data_5LCC
#
_entry.id   5LCC
#
_cell.length_a   53.716
_cell.length_b   63.245
_cell.length_c   120.365
_cell.angle_alpha   90.00
_cell.angle_beta   90.00
_cell.angle_gamma   90.00
#
_symmetry.space_group_name_H-M   'P 21 21 21'
#
loop_
_entity.id
_entity.type
_entity.pdbx_description
1 polymer 'MACROD-TYPE MACRODOMAIN'
2 water water
#
_entity_poly.entity_id   1
_entity_poly.type   'polypeptide(L)'
_entity_poly.pdbx_seq_one_letter_code
;MGSSHHHHHHSSGLVPRGSHMASMKHNINDNTLEIVVGDITKETTNVIVNAANGSLLGGGGVAGAIHHAAGPELLKACQE
MRNNELNGEELPTGEVIITSGFQLPSRFIIHTVGPIWNQTPDLQEELLANCYRNALELVKVKKLSSISFPSISTGVYGYP
IHEAAAIALQTIIQFLQENDVGLVKVVLFSERDYSIYQEKLKYLIEKI
;
_entity_poly.pdbx_strand_id   A,B
#
# COMPACT_ATOMS: atom_id res chain seq x y z
N HIS A 20 12.35 -0.85 35.59
CA HIS A 20 11.72 0.40 36.13
C HIS A 20 10.72 0.97 35.11
N MET A 21 9.43 0.82 35.42
CA MET A 21 8.31 1.36 34.63
C MET A 21 8.31 2.90 34.56
N ALA A 22 8.06 3.42 33.37
CA ALA A 22 8.12 4.85 33.09
C ALA A 22 7.26 5.15 31.85
N SER A 23 6.70 6.36 31.82
CA SER A 23 5.93 6.81 30.69
C SER A 23 5.81 8.32 30.69
N MET A 24 5.44 8.88 29.55
CA MET A 24 4.96 10.24 29.48
C MET A 24 3.96 10.44 28.36
N LYS A 25 3.14 11.46 28.56
CA LYS A 25 1.99 11.75 27.74
C LYS A 25 2.07 13.23 27.39
N HIS A 26 1.70 13.55 26.15
CA HIS A 26 1.49 14.92 25.77
C HIS A 26 0.32 14.98 24.82
N ASN A 27 -0.59 15.90 25.06
CA ASN A 27 -1.77 16.04 24.22
C ASN A 27 -1.40 16.86 22.99
N ILE A 28 -1.95 16.46 21.84
CA ILE A 28 -1.73 17.12 20.58
C ILE A 28 -3.13 17.30 20.00
N ASN A 29 -3.66 18.52 20.15
CA ASN A 29 -5.09 18.82 19.98
C ASN A 29 -5.92 17.90 20.89
N ASP A 30 -6.96 17.24 20.38
CA ASP A 30 -7.71 16.31 21.20
C ASP A 30 -7.06 14.91 21.26
N ASN A 31 -5.92 14.71 20.58
CA ASN A 31 -5.21 13.43 20.62
C ASN A 31 -4.27 13.38 21.81
N THR A 32 -3.91 12.15 22.21
CA THR A 32 -2.89 11.88 23.20
C THR A 32 -1.74 11.06 22.59
N LEU A 33 -0.52 11.52 22.79
CA LEU A 33 0.65 10.77 22.41
C LEU A 33 1.35 10.32 23.70
N GLU A 34 1.60 9.03 23.82
CA GLU A 34 2.28 8.48 24.98
C GLU A 34 3.51 7.64 24.58
N ILE A 35 4.58 7.73 25.37
CA ILE A 35 5.76 6.84 25.26
C ILE A 35 5.88 6.05 26.56
N VAL A 36 6.13 4.75 26.48
CA VAL A 36 6.06 3.88 27.65
C VAL A 36 7.03 2.71 27.56
N VAL A 37 7.71 2.40 28.65
CA VAL A 37 8.49 1.16 28.78
C VAL A 37 7.51 0.03 28.99
N GLY A 38 7.61 -1.02 28.18
CA GLY A 38 6.62 -2.07 28.24
C GLY A 38 6.70 -3.14 27.18
N ASP A 39 5.78 -4.07 27.30
CA ASP A 39 5.70 -5.24 26.47
C ASP A 39 4.48 -5.02 25.60
N ILE A 40 4.69 -4.80 24.31
CA ILE A 40 3.61 -4.39 23.42
C ILE A 40 2.54 -5.47 23.28
N THR A 41 2.91 -6.74 23.50
CA THR A 41 1.95 -7.88 23.47
C THR A 41 0.89 -7.80 24.55
N LYS A 42 1.17 -7.06 25.63
CA LYS A 42 0.21 -6.89 26.71
C LYS A 42 -0.66 -5.63 26.62
N GLU A 43 -0.46 -4.82 25.59
CA GLU A 43 -1.22 -3.57 25.44
C GLU A 43 -2.68 -3.85 25.18
N THR A 44 -3.52 -2.99 25.75
CA THR A 44 -4.96 -3.09 25.61
C THR A 44 -5.52 -2.03 24.67
N THR A 45 -4.64 -1.27 23.99
CA THR A 45 -5.07 -0.47 22.83
C THR A 45 -5.77 -1.36 21.80
N ASN A 46 -6.65 -0.76 20.98
CA ASN A 46 -7.40 -1.51 19.96
C ASN A 46 -6.50 -2.13 18.91
N VAL A 47 -5.36 -1.47 18.62
CA VAL A 47 -4.44 -1.88 17.59
C VAL A 47 -3.03 -1.91 18.16
N ILE A 48 -2.27 -2.93 17.82
CA ILE A 48 -0.81 -2.87 17.95
C ILE A 48 -0.18 -3.06 16.58
N VAL A 49 1.04 -2.56 16.44
CA VAL A 49 1.75 -2.62 15.16
C VAL A 49 2.87 -3.64 15.28
N ASN A 50 2.91 -4.55 14.32
CA ASN A 50 4.03 -5.48 14.15
C ASN A 50 4.91 -5.03 12.97
N ALA A 51 6.19 -4.80 13.27
CA ALA A 51 7.21 -4.54 12.25
C ALA A 51 7.79 -5.87 11.81
N ALA A 52 7.38 -6.30 10.62
CA ALA A 52 7.61 -7.62 10.08
C ALA A 52 8.70 -7.65 9.00
N ASN A 53 9.08 -8.85 8.55
CA ASN A 53 9.75 -8.94 7.26
C ASN A 53 8.66 -8.94 6.21
N GLY A 54 9.04 -8.86 4.95
CA GLY A 54 8.10 -8.74 3.86
C GLY A 54 7.20 -9.92 3.67
N SER A 55 7.61 -11.09 4.11
CA SER A 55 6.78 -12.29 4.02
C SER A 55 5.56 -12.24 4.94
N LEU A 56 5.63 -11.45 6.00
CA LEU A 56 4.61 -11.40 7.08
C LEU A 56 4.61 -12.63 7.98
N LEU A 57 5.58 -13.52 7.82
CA LEU A 57 5.65 -14.71 8.62
C LEU A 57 6.68 -14.61 9.74
N GLY A 58 7.58 -13.62 9.67
CA GLY A 58 8.63 -13.46 10.69
C GLY A 58 9.02 -12.02 10.89
N GLY A 59 10.26 -11.81 11.33
CA GLY A 59 10.73 -10.49 11.71
C GLY A 59 11.51 -10.57 13.00
N GLY A 60 12.06 -9.45 13.44
CA GLY A 60 12.92 -9.43 14.62
C GLY A 60 12.33 -8.85 15.88
N GLY A 61 12.73 -9.40 17.02
CA GLY A 61 12.35 -8.89 18.33
C GLY A 61 10.89 -9.07 18.70
N VAL A 62 10.13 -7.99 18.56
CA VAL A 62 8.72 -7.99 18.93
C VAL A 62 7.90 -8.90 18.04
N ALA A 63 8.33 -9.09 16.79
CA ALA A 63 7.62 -9.94 15.86
C ALA A 63 7.42 -11.33 16.46
N GLY A 64 8.51 -11.97 16.86
CA GLY A 64 8.44 -13.28 17.53
C GLY A 64 7.51 -13.30 18.72
N ALA A 65 7.68 -12.32 19.61
CA ALA A 65 6.83 -12.21 20.81
C ALA A 65 5.37 -12.05 20.46
N ILE A 66 5.08 -11.25 19.44
CA ILE A 66 3.69 -11.04 18.99
C ILE A 66 3.10 -12.35 18.49
N HIS A 67 3.80 -13.04 17.60
CA HIS A 67 3.34 -14.35 17.09
C HIS A 67 3.10 -15.36 18.21
N HIS A 68 4.08 -15.50 19.09
CA HIS A 68 3.91 -16.31 20.29
C HIS A 68 2.69 -15.92 21.12
N ALA A 69 2.49 -14.64 21.40
CA ALA A 69 1.38 -14.22 22.24
C ALA A 69 0.02 -14.27 21.52
N ALA A 70 0.00 -14.01 20.21
CA ALA A 70 -1.25 -14.05 19.44
C ALA A 70 -1.76 -15.50 19.19
N GLY A 71 -0.85 -16.46 19.18
CA GLY A 71 -1.20 -17.85 18.91
C GLY A 71 -1.04 -18.19 17.44
N PRO A 72 -1.26 -19.46 17.09
CA PRO A 72 -0.94 -19.94 15.74
C PRO A 72 -1.92 -19.51 14.64
N GLU A 73 -3.08 -19.00 15.01
CA GLU A 73 -4.01 -18.47 14.02
C GLU A 73 -3.50 -17.21 13.30
N LEU A 74 -2.67 -16.44 13.98
CA LEU A 74 -2.06 -15.26 13.37
C LEU A 74 -1.23 -15.62 12.15
N LEU A 75 -0.32 -16.57 12.32
CA LEU A 75 0.53 -16.99 11.22
C LEU A 75 -0.31 -17.44 10.04
N LYS A 76 -1.40 -18.18 10.33
CA LYS A 76 -2.34 -18.61 9.28
C LYS A 76 -3.02 -17.42 8.61
N ALA A 77 -3.45 -16.45 9.39
CA ALA A 77 -4.01 -15.22 8.81
C ALA A 77 -2.97 -14.46 7.97
N CYS A 78 -1.70 -14.44 8.41
CA CYS A 78 -0.64 -13.77 7.63
C CYS A 78 -0.41 -14.47 6.30
N GLN A 79 -0.41 -15.79 6.35
CA GLN A 79 -0.23 -16.57 5.12
C GLN A 79 -1.34 -16.33 4.10
N GLU A 80 -2.58 -16.20 4.57
CA GLU A 80 -3.71 -15.87 3.70
C GLU A 80 -3.62 -14.49 3.08
N MET A 81 -3.25 -13.50 3.89
CA MET A 81 -2.98 -12.14 3.39
C MET A 81 -1.92 -12.14 2.31
N ARG A 82 -0.82 -12.87 2.56
CA ARG A 82 0.26 -13.03 1.60
C ARG A 82 -0.27 -13.65 0.29
N ASN A 83 -1.04 -14.72 0.42
CA ASN A 83 -1.56 -15.46 -0.75
C ASN A 83 -2.59 -14.67 -1.55
N ASN A 84 -3.56 -14.10 -0.85
CA ASN A 84 -4.71 -13.47 -1.45
C ASN A 84 -4.42 -11.99 -1.76
N GLU A 85 -4.45 -11.11 -0.76
CA GLU A 85 -4.28 -9.69 -1.05
C GLU A 85 -2.92 -9.35 -1.69
N LEU A 86 -1.85 -10.03 -1.30
CA LEU A 86 -0.51 -9.73 -1.86
C LEU A 86 -0.09 -10.58 -3.07
N ASN A 87 -0.97 -11.48 -3.52
CA ASN A 87 -0.67 -12.33 -4.68
C ASN A 87 0.66 -13.10 -4.58
N GLY A 88 0.99 -13.53 -3.36
CA GLY A 88 2.22 -14.23 -3.09
C GLY A 88 3.46 -13.37 -2.89
N GLU A 89 3.35 -12.05 -3.03
CA GLU A 89 4.48 -11.14 -2.97
C GLU A 89 4.73 -10.67 -1.55
N GLU A 90 5.92 -10.15 -1.31
CA GLU A 90 6.22 -9.46 -0.05
C GLU A 90 5.40 -8.15 0.07
N LEU A 91 5.06 -7.75 1.27
CA LEU A 91 4.44 -6.44 1.53
C LEU A 91 5.52 -5.38 1.29
N PRO A 92 5.30 -4.45 0.34
CA PRO A 92 6.35 -3.45 0.13
C PRO A 92 6.62 -2.59 1.37
N THR A 93 7.85 -2.13 1.47
CA THR A 93 8.32 -1.30 2.58
C THR A 93 7.45 -0.08 2.81
N GLY A 94 7.06 0.13 4.07
CA GLY A 94 6.22 1.26 4.46
C GLY A 94 4.72 1.08 4.33
N GLU A 95 4.27 -0.02 3.72
CA GLU A 95 2.84 -0.28 3.56
C GLU A 95 2.35 -1.07 4.76
N VAL A 96 1.04 -1.22 4.85
CA VAL A 96 0.41 -1.87 5.99
C VAL A 96 -0.71 -2.79 5.56
N ILE A 97 -0.93 -3.81 6.38
CA ILE A 97 -2.11 -4.64 6.26
C ILE A 97 -2.61 -4.85 7.67
N ILE A 98 -3.88 -5.16 7.83
CA ILE A 98 -4.46 -5.37 9.15
C ILE A 98 -4.95 -6.82 9.32
N THR A 99 -4.71 -7.42 10.49
CA THR A 99 -5.32 -8.71 10.83
C THR A 99 -5.98 -8.58 12.18
N SER A 100 -6.74 -9.60 12.55
CA SER A 100 -7.16 -9.74 13.93
C SER A 100 -5.95 -9.93 14.84
N GLY A 101 -6.12 -9.61 16.12
CA GLY A 101 -5.14 -9.87 17.15
C GLY A 101 -5.21 -11.25 17.78
N PHE A 102 -6.28 -12.00 17.50
CA PHE A 102 -6.47 -13.37 18.03
C PHE A 102 -6.38 -13.44 19.57
N GLN A 103 -5.34 -14.03 20.14
CA GLN A 103 -5.25 -14.16 21.59
C GLN A 103 -4.77 -12.92 22.32
N LEU A 104 -4.21 -11.95 21.61
CA LEU A 104 -3.70 -10.73 22.26
C LEU A 104 -4.85 -10.00 22.94
N PRO A 105 -4.57 -9.23 24.00
CA PRO A 105 -5.59 -8.33 24.57
C PRO A 105 -5.95 -7.14 23.66
N SER A 106 -5.15 -6.86 22.61
CA SER A 106 -5.54 -5.91 21.56
C SER A 106 -6.42 -6.59 20.52
N ARG A 107 -7.32 -5.83 19.90
CA ARG A 107 -8.26 -6.37 18.93
C ARG A 107 -7.67 -6.63 17.52
N PHE A 108 -6.72 -5.82 17.09
CA PHE A 108 -6.16 -5.92 15.73
C PHE A 108 -4.66 -5.68 15.76
N ILE A 109 -3.98 -6.24 14.77
CA ILE A 109 -2.56 -5.98 14.52
C ILE A 109 -2.47 -5.36 13.14
N ILE A 110 -1.82 -4.21 13.06
CA ILE A 110 -1.38 -3.67 11.79
C ILE A 110 0.07 -4.13 11.59
N HIS A 111 0.31 -4.80 10.47
CA HIS A 111 1.63 -5.34 10.11
C HIS A 111 2.23 -4.40 9.09
N THR A 112 3.51 -4.06 9.27
CA THR A 112 4.23 -3.17 8.35
C THR A 112 5.67 -3.66 8.16
N VAL A 113 6.35 -3.12 7.17
CA VAL A 113 7.73 -3.46 6.90
C VAL A 113 8.50 -2.15 6.93
N GLY A 114 9.42 -2.05 7.86
CA GLY A 114 10.34 -0.91 7.92
C GLY A 114 11.49 -1.11 6.94
N PRO A 115 12.15 -0.03 6.54
CA PRO A 115 13.28 -0.15 5.62
C PRO A 115 14.51 -0.76 6.28
N ILE A 116 15.35 -1.35 5.45
CA ILE A 116 16.65 -1.80 5.88
C ILE A 116 17.55 -0.58 5.79
N TRP A 117 18.15 -0.24 6.94
CA TRP A 117 18.99 0.93 7.07
C TRP A 117 20.13 0.91 6.04
N ASN A 118 20.26 2.02 5.33
CA ASN A 118 21.17 2.27 4.19
C ASN A 118 21.03 1.42 2.93
N GLN A 119 20.01 0.57 2.83
CA GLN A 119 19.69 -0.04 1.53
C GLN A 119 19.32 1.00 0.48
N THR A 120 18.39 1.91 0.79
CA THR A 120 18.03 3.01 -0.12
C THR A 120 18.15 4.31 0.65
N PRO A 121 19.38 4.86 0.76
CA PRO A 121 19.59 6.03 1.64
C PRO A 121 18.70 7.23 1.38
N ASP A 122 18.37 7.49 0.11
CA ASP A 122 17.62 8.70 -0.23
C ASP A 122 16.11 8.55 -0.03
N LEU A 123 15.63 7.32 0.16
CA LEU A 123 14.20 7.03 0.31
C LEU A 123 13.80 6.58 1.74
N GLN A 124 14.78 6.14 2.54
CA GLN A 124 14.51 5.46 3.79
C GLN A 124 13.79 6.28 4.86
N GLU A 125 14.01 7.61 4.90
CA GLU A 125 13.29 8.47 5.83
C GLU A 125 11.79 8.48 5.53
N GLU A 126 11.45 8.66 4.26
CA GLU A 126 10.06 8.64 3.82
C GLU A 126 9.42 7.26 4.02
N LEU A 127 10.19 6.20 3.72
CA LEU A 127 9.69 4.83 3.85
C LEU A 127 9.40 4.49 5.32
N LEU A 128 10.31 4.85 6.22
CA LEU A 128 10.07 4.66 7.64
C LEU A 128 8.87 5.48 8.10
N ALA A 129 8.82 6.74 7.70
CA ALA A 129 7.66 7.60 7.99
C ALA A 129 6.33 6.97 7.56
N ASN A 130 6.36 6.36 6.38
CA ASN A 130 5.19 5.71 5.80
C ASN A 130 4.59 4.65 6.68
N CYS A 131 5.43 3.88 7.37
CA CYS A 131 4.94 2.87 8.29
C CYS A 131 4.01 3.53 9.29
N TYR A 132 4.44 4.65 9.85
CA TYR A 132 3.65 5.35 10.87
C TYR A 132 2.40 5.99 10.28
N ARG A 133 2.58 6.72 9.19
CA ARG A 133 1.50 7.50 8.58
C ARG A 133 0.39 6.62 7.97
N ASN A 134 0.79 5.55 7.26
CA ASN A 134 -0.17 4.56 6.74
C ASN A 134 -0.92 3.80 7.83
N ALA A 135 -0.24 3.42 8.91
CA ALA A 135 -0.90 2.83 10.07
C ALA A 135 -1.94 3.81 10.63
N LEU A 136 -1.54 5.06 10.84
CA LEU A 136 -2.45 6.06 11.44
C LEU A 136 -3.64 6.33 10.55
N GLU A 137 -3.42 6.41 9.24
CA GLU A 137 -4.53 6.58 8.30
C GLU A 137 -5.56 5.46 8.39
N LEU A 138 -5.07 4.22 8.48
CA LEU A 138 -5.95 3.06 8.58
C LEU A 138 -6.81 3.11 9.87
N VAL A 139 -6.17 3.43 10.98
CA VAL A 139 -6.84 3.60 12.27
C VAL A 139 -7.95 4.68 12.13
N LYS A 140 -7.62 5.77 11.47
CA LYS A 140 -8.53 6.89 11.29
C LYS A 140 -9.71 6.47 10.43
N VAL A 141 -9.44 5.86 9.28
CA VAL A 141 -10.48 5.42 8.35
C VAL A 141 -11.41 4.41 9.01
N LYS A 142 -10.82 3.42 9.69
CA LYS A 142 -11.59 2.37 10.37
C LYS A 142 -12.10 2.76 11.77
N LYS A 143 -11.91 4.01 12.18
CA LYS A 143 -12.45 4.54 13.46
C LYS A 143 -12.05 3.71 14.68
N LEU A 144 -10.80 3.24 14.66
CA LEU A 144 -10.22 2.52 15.78
C LEU A 144 -9.70 3.70 16.58
N SER A 145 -9.56 3.60 17.87
CA SER A 145 -9.34 4.83 18.63
C SER A 145 -8.04 4.85 19.36
N SER A 146 -7.27 3.77 19.26
CA SER A 146 -6.02 3.68 19.98
C SER A 146 -5.13 2.68 19.27
N ILE A 147 -3.85 2.98 19.29
CA ILE A 147 -2.84 2.22 18.57
C ILE A 147 -1.52 2.35 19.31
N SER A 148 -0.81 1.23 19.41
CA SER A 148 0.55 1.17 19.94
C SER A 148 1.55 0.75 18.85
N PHE A 149 2.65 1.49 18.75
CA PHE A 149 3.78 1.19 17.84
C PHE A 149 4.93 0.65 18.66
N PRO A 150 5.69 -0.31 18.09
CA PRO A 150 7.01 -0.68 18.63
C PRO A 150 8.06 0.27 18.05
N SER A 151 9.33 0.02 18.31
CA SER A 151 10.40 0.73 17.65
C SER A 151 10.70 0.01 16.34
N ILE A 152 10.32 0.60 15.20
CA ILE A 152 10.39 -0.08 13.90
C ILE A 152 11.80 0.06 13.27
N SER A 153 12.37 -1.05 12.78
CA SER A 153 13.67 -1.07 12.02
C SER A 153 14.93 -0.88 12.86
N THR A 154 14.78 -0.66 14.17
CA THR A 154 15.93 -0.52 15.07
C THR A 154 16.39 -1.89 15.51
N GLY A 155 17.46 -1.97 16.26
CA GLY A 155 18.03 -3.27 16.57
C GLY A 155 19.48 -3.26 16.19
N VAL A 156 20.19 -4.27 16.65
CA VAL A 156 21.66 -4.27 16.60
C VAL A 156 22.24 -3.99 15.19
N TYR A 157 21.59 -4.50 14.15
CA TYR A 157 22.10 -4.37 12.78
C TYR A 157 21.23 -3.45 11.94
N GLY A 158 20.51 -2.52 12.61
CA GLY A 158 19.42 -1.78 11.99
C GLY A 158 19.56 -0.27 12.04
N TYR A 159 18.40 0.40 12.00
CA TYR A 159 18.30 1.84 11.86
C TYR A 159 18.76 2.46 13.20
N PRO A 160 19.65 3.46 13.15
CA PRO A 160 20.10 4.11 14.40
C PRO A 160 18.93 4.75 15.16
N ILE A 161 18.81 4.37 16.42
CA ILE A 161 17.70 4.73 17.30
C ILE A 161 17.43 6.24 17.34
N HIS A 162 18.50 7.04 17.34
CA HIS A 162 18.37 8.51 17.42
C HIS A 162 17.67 9.06 16.19
N GLU A 163 18.01 8.58 15.01
CA GLU A 163 17.34 9.10 13.81
C GLU A 163 15.95 8.48 13.64
N ALA A 164 15.80 7.21 13.96
CA ALA A 164 14.50 6.53 13.82
C ALA A 164 13.48 7.14 14.76
N ALA A 165 13.89 7.39 16.00
CA ALA A 165 13.00 7.98 17.01
C ALA A 165 12.49 9.33 16.56
N ALA A 166 13.38 10.12 15.98
CA ALA A 166 13.03 11.43 15.48
C ALA A 166 12.03 11.36 14.33
N ILE A 167 12.24 10.45 13.38
CA ILE A 167 11.28 10.26 12.29
C ILE A 167 9.93 9.77 12.82
N ALA A 168 9.96 8.81 13.74
CA ALA A 168 8.75 8.25 14.32
C ALA A 168 7.90 9.32 15.00
N LEU A 169 8.50 10.04 15.93
CA LEU A 169 7.79 11.09 16.69
C LEU A 169 7.35 12.24 15.81
N GLN A 170 8.24 12.67 14.93
CA GLN A 170 7.92 13.75 13.99
C GLN A 170 6.72 13.39 13.16
N THR A 171 6.70 12.17 12.62
CA THR A 171 5.62 11.73 11.76
C THR A 171 4.34 11.63 12.54
N ILE A 172 4.41 11.06 13.73
CA ILE A 172 3.21 10.91 14.56
C ILE A 172 2.70 12.30 14.96
N ILE A 173 3.60 13.18 15.36
CA ILE A 173 3.18 14.55 15.79
C ILE A 173 2.45 15.26 14.64
N GLN A 174 3.07 15.26 13.46
CA GLN A 174 2.47 15.91 12.31
C GLN A 174 1.09 15.34 11.99
N PHE A 175 0.94 14.01 12.00
CA PHE A 175 -0.37 13.40 11.76
C PHE A 175 -1.44 13.82 12.78
N LEU A 176 -1.07 13.79 14.06
CA LEU A 176 -2.00 14.15 15.14
C LEU A 176 -2.32 15.66 15.17
N GLN A 177 -1.42 16.50 14.67
CA GLN A 177 -1.75 17.92 14.42
C GLN A 177 -2.86 18.10 13.36
N GLU A 178 -2.95 17.22 12.37
CA GLU A 178 -3.84 17.42 11.20
C GLU A 178 -5.06 16.52 11.20
N ASN A 179 -5.18 15.62 12.19
CA ASN A 179 -6.23 14.60 12.19
C ASN A 179 -6.65 14.28 13.62
N ASP A 180 -7.92 13.94 13.77
CA ASP A 180 -8.42 13.39 15.00
C ASP A 180 -8.29 11.87 14.91
N VAL A 181 -7.62 11.27 15.91
CA VAL A 181 -7.27 9.84 15.93
C VAL A 181 -7.60 9.21 17.28
N GLY A 182 -7.02 9.77 18.33
CA GLY A 182 -7.27 9.33 19.69
C GLY A 182 -5.98 9.17 20.44
N LEU A 183 -5.70 7.95 20.90
CA LEU A 183 -4.49 7.65 21.65
C LEU A 183 -3.44 6.93 20.78
N VAL A 184 -2.23 7.47 20.71
CA VAL A 184 -1.10 6.81 20.06
C VAL A 184 -0.03 6.57 21.10
N LYS A 185 0.38 5.31 21.24
CA LYS A 185 1.45 4.93 22.16
C LYS A 185 2.67 4.48 21.38
N VAL A 186 3.86 4.84 21.88
CA VAL A 186 5.07 4.17 21.44
C VAL A 186 5.53 3.36 22.64
N VAL A 187 5.54 2.04 22.47
CA VAL A 187 5.88 1.09 23.53
C VAL A 187 7.28 0.52 23.27
N LEU A 188 8.20 0.79 24.19
CA LEU A 188 9.60 0.44 24.06
C LEU A 188 9.97 -0.61 25.10
N PHE A 189 10.51 -1.73 24.67
CA PHE A 189 10.97 -2.75 25.61
C PHE A 189 12.23 -2.35 26.37
N SER A 190 13.02 -1.45 25.80
CA SER A 190 14.33 -1.05 26.34
C SER A 190 14.23 0.29 27.07
N GLU A 191 14.67 0.33 28.33
CA GLU A 191 14.78 1.58 29.11
C GLU A 191 15.65 2.62 28.41
N ARG A 192 16.76 2.15 27.85
CA ARG A 192 17.67 2.99 27.05
C ARG A 192 16.95 3.71 25.90
N ASP A 193 16.20 2.93 25.12
CA ASP A 193 15.40 3.47 24.01
C ASP A 193 14.33 4.47 24.47
N TYR A 194 13.61 4.13 25.54
CA TYR A 194 12.67 5.06 26.18
C TYR A 194 13.33 6.42 26.47
N SER A 195 14.52 6.40 27.08
CA SER A 195 15.20 7.64 27.47
C SER A 195 15.52 8.47 26.23
N ILE A 196 15.92 7.81 25.16
CA ILE A 196 16.18 8.48 23.88
C ILE A 196 14.91 9.13 23.31
N TYR A 197 13.79 8.40 23.37
CA TYR A 197 12.49 8.93 22.92
C TYR A 197 12.04 10.14 23.77
N GLN A 198 12.26 10.04 25.07
CA GLN A 198 11.95 11.13 26.04
C GLN A 198 12.66 12.44 25.70
N GLU A 199 13.96 12.38 25.43
CA GLU A 199 14.75 13.56 25.07
C GLU A 199 14.25 14.17 23.77
N LYS A 200 14.11 13.31 22.76
CA LYS A 200 13.66 13.72 21.43
C LYS A 200 12.26 14.34 21.47
N LEU A 201 11.37 13.76 22.28
CA LEU A 201 10.00 14.28 22.45
C LEU A 201 9.99 15.67 23.10
N LYS A 202 10.74 15.85 24.19
CA LYS A 202 10.88 17.17 24.85
C LYS A 202 11.32 18.21 23.83
N TYR A 203 12.42 17.91 23.16
CA TYR A 203 12.95 18.74 22.07
C TYR A 203 11.89 19.12 21.03
N LEU A 204 11.08 18.15 20.61
CA LEU A 204 10.07 18.39 19.57
C LEU A 204 8.86 19.20 20.05
N ILE A 205 8.43 18.97 21.29
CA ILE A 205 7.24 19.64 21.84
C ILE A 205 7.48 21.14 22.13
N GLU A 206 8.69 21.51 22.57
CA GLU A 206 9.00 22.92 22.85
C GLU A 206 9.10 23.75 21.56
N LYS A 207 9.58 23.15 20.47
CA LYS A 207 9.75 23.80 19.17
C LYS A 207 8.58 23.49 18.23
N ILE A 208 7.35 23.72 18.69
CA ILE A 208 6.13 23.43 17.90
C ILE A 208 5.95 24.49 16.80
N MET B 21 -4.42 -21.20 -15.82
CA MET B 21 -4.50 -20.19 -16.93
C MET B 21 -5.84 -20.28 -17.65
N ALA B 22 -6.33 -19.11 -18.06
CA ALA B 22 -7.66 -19.00 -18.63
C ALA B 22 -7.89 -17.58 -19.13
N SER B 23 -8.78 -17.44 -20.11
CA SER B 23 -9.08 -16.12 -20.66
C SER B 23 -10.38 -16.05 -21.44
N MET B 24 -10.89 -14.84 -21.61
CA MET B 24 -11.93 -14.60 -22.59
C MET B 24 -11.80 -13.22 -23.25
N LYS B 25 -12.27 -13.17 -24.49
CA LYS B 25 -12.15 -12.03 -25.37
C LYS B 25 -13.51 -11.69 -25.94
N HIS B 26 -13.79 -10.42 -26.07
CA HIS B 26 -14.92 -9.97 -26.87
C HIS B 26 -14.53 -8.68 -27.57
N ASN B 27 -14.98 -8.53 -28.82
CA ASN B 27 -14.80 -7.30 -29.57
C ASN B 27 -15.72 -6.23 -28.98
N ILE B 28 -15.28 -4.99 -29.08
CA ILE B 28 -16.13 -3.83 -28.85
C ILE B 28 -15.76 -2.90 -29.97
N ASN B 29 -16.67 -2.77 -30.93
CA ASN B 29 -16.38 -2.15 -32.23
C ASN B 29 -15.12 -2.76 -32.79
N ASP B 30 -14.16 -1.99 -33.26
CA ASP B 30 -12.91 -2.61 -33.73
C ASP B 30 -11.88 -2.90 -32.63
N ASN B 31 -12.20 -2.66 -31.36
CA ASN B 31 -11.31 -2.98 -30.23
C ASN B 31 -11.60 -4.35 -29.68
N THR B 32 -10.66 -4.85 -28.88
CA THR B 32 -10.79 -6.13 -28.20
C THR B 32 -10.61 -5.91 -26.70
N LEU B 33 -11.53 -6.46 -25.91
CA LEU B 33 -11.40 -6.49 -24.47
C LEU B 33 -11.16 -7.95 -24.10
N GLU B 34 -10.08 -8.20 -23.37
CA GLU B 34 -9.73 -9.53 -22.90
C GLU B 34 -9.58 -9.55 -21.38
N ILE B 35 -10.06 -10.63 -20.76
CA ILE B 35 -9.74 -10.90 -19.34
C ILE B 35 -8.93 -12.19 -19.22
N VAL B 36 -7.94 -12.22 -18.34
CA VAL B 36 -7.01 -13.35 -18.24
C VAL B 36 -6.62 -13.62 -16.80
N VAL B 37 -6.37 -14.89 -16.48
CA VAL B 37 -5.76 -15.25 -15.21
C VAL B 37 -4.30 -15.31 -15.56
N GLY B 38 -3.45 -14.60 -14.81
CA GLY B 38 -2.03 -14.63 -15.09
C GLY B 38 -1.15 -13.66 -14.32
N ASP B 39 0.09 -13.61 -14.77
CA ASP B 39 1.12 -12.79 -14.21
C ASP B 39 1.27 -11.58 -15.13
N ILE B 40 0.85 -10.41 -14.64
CA ILE B 40 0.91 -9.21 -15.48
C ILE B 40 2.33 -8.89 -15.96
N THR B 41 3.34 -9.28 -15.17
CA THR B 41 4.75 -8.99 -15.51
C THR B 41 5.29 -9.75 -16.72
N LYS B 42 4.59 -10.81 -17.14
CA LYS B 42 4.98 -11.53 -18.36
C LYS B 42 4.20 -11.13 -19.59
N GLU B 43 3.29 -10.15 -19.50
CA GLU B 43 2.56 -9.71 -20.70
C GLU B 43 3.45 -9.06 -21.73
N THR B 44 3.16 -9.27 -23.01
CA THR B 44 3.92 -8.64 -24.10
C THR B 44 3.08 -7.61 -24.84
N THR B 45 1.97 -7.15 -24.23
CA THR B 45 1.33 -5.93 -24.71
C THR B 45 2.36 -4.79 -24.66
N ASN B 46 2.14 -3.73 -25.43
CA ASN B 46 3.09 -2.61 -25.48
C ASN B 46 3.18 -1.87 -24.15
N VAL B 47 2.08 -1.86 -23.41
CA VAL B 47 1.97 -1.22 -22.14
C VAL B 47 1.41 -2.20 -21.11
N ILE B 48 1.95 -2.16 -19.90
CA ILE B 48 1.23 -2.65 -18.72
C ILE B 48 1.04 -1.52 -17.70
N VAL B 49 0.05 -1.67 -16.84
CA VAL B 49 -0.27 -0.66 -15.84
C VAL B 49 0.18 -1.11 -14.46
N ASN B 50 0.97 -0.27 -13.82
CA ASN B 50 1.32 -0.45 -12.44
C ASN B 50 0.34 0.35 -11.58
N ALA B 51 -0.28 -0.33 -10.62
CA ALA B 51 -1.04 0.30 -9.55
C ALA B 51 -0.13 0.76 -8.42
N ALA B 52 0.24 2.03 -8.46
CA ALA B 52 1.24 2.57 -7.54
C ALA B 52 0.62 3.36 -6.40
N ASN B 53 1.46 3.76 -5.48
CA ASN B 53 1.12 4.72 -4.45
C ASN B 53 1.48 6.11 -4.93
N GLY B 54 0.92 7.14 -4.30
CA GLY B 54 1.11 8.53 -4.72
C GLY B 54 2.57 8.97 -4.76
N SER B 55 3.37 8.44 -3.84
CA SER B 55 4.81 8.75 -3.80
C SER B 55 5.64 8.08 -4.90
N LEU B 56 5.01 7.13 -5.61
CA LEU B 56 5.64 6.25 -6.60
C LEU B 56 6.74 5.39 -6.01
N LEU B 57 6.65 5.11 -4.71
CA LEU B 57 7.64 4.31 -4.00
C LEU B 57 7.40 2.80 -4.16
N GLY B 58 6.16 2.43 -4.44
CA GLY B 58 5.78 1.01 -4.51
C GLY B 58 4.27 0.95 -4.65
N GLY B 59 3.60 0.31 -3.71
CA GLY B 59 2.17 0.08 -3.79
C GLY B 59 1.83 -1.22 -3.08
N GLY B 60 0.93 -2.00 -3.66
CA GLY B 60 0.61 -3.35 -3.14
C GLY B 60 1.41 -4.48 -3.79
N GLY B 61 0.78 -5.66 -3.82
CA GLY B 61 1.34 -6.88 -4.41
C GLY B 61 1.67 -6.72 -5.88
N VAL B 62 0.75 -6.11 -6.63
CA VAL B 62 0.98 -5.87 -8.06
C VAL B 62 2.26 -5.02 -8.27
N ALA B 63 2.39 -3.92 -7.53
CA ALA B 63 3.56 -3.05 -7.60
C ALA B 63 4.83 -3.76 -7.21
N GLY B 64 4.75 -4.56 -6.15
CA GLY B 64 5.88 -5.40 -5.73
C GLY B 64 6.41 -6.30 -6.84
N ALA B 65 5.49 -7.00 -7.49
CA ALA B 65 5.83 -7.93 -8.57
C ALA B 65 6.43 -7.16 -9.77
N ILE B 66 5.82 -6.04 -10.15
CA ILE B 66 6.32 -5.23 -11.27
C ILE B 66 7.72 -4.69 -10.99
N HIS B 67 7.96 -4.15 -9.80
CA HIS B 67 9.29 -3.68 -9.45
C HIS B 67 10.33 -4.80 -9.38
N HIS B 68 9.93 -5.97 -8.93
CA HIS B 68 10.80 -7.15 -8.96
C HIS B 68 11.18 -7.55 -10.38
N ALA B 69 10.18 -7.73 -11.25
CA ALA B 69 10.46 -8.12 -12.66
C ALA B 69 11.14 -7.05 -13.51
N ALA B 70 10.79 -5.78 -13.30
CA ALA B 70 11.36 -4.71 -14.14
C ALA B 70 12.80 -4.41 -13.74
N GLY B 71 13.15 -4.66 -12.47
CA GLY B 71 14.44 -4.34 -11.92
C GLY B 71 14.51 -2.97 -11.27
N PRO B 72 15.66 -2.67 -10.63
CA PRO B 72 15.81 -1.45 -9.82
C PRO B 72 15.84 -0.16 -10.60
N GLU B 73 16.02 -0.20 -11.92
CA GLU B 73 15.95 1.03 -12.70
C GLU B 73 14.55 1.68 -12.76
N LEU B 74 13.50 0.89 -12.57
CA LEU B 74 12.14 1.43 -12.56
C LEU B 74 11.92 2.40 -11.37
N LEU B 75 12.24 1.97 -10.15
CA LEU B 75 12.03 2.81 -8.95
C LEU B 75 12.81 4.12 -9.11
N LYS B 76 14.04 3.96 -9.58
CA LYS B 76 14.91 5.07 -9.92
C LYS B 76 14.28 6.04 -10.90
N ALA B 77 13.73 5.52 -12.00
CA ALA B 77 13.10 6.39 -12.99
C ALA B 77 11.88 7.08 -12.42
N CYS B 78 11.08 6.36 -11.64
CA CYS B 78 9.88 6.97 -11.01
C CYS B 78 10.23 8.12 -10.06
N GLN B 79 11.26 7.94 -9.24
CA GLN B 79 11.65 8.98 -8.28
C GLN B 79 12.31 10.18 -8.97
N GLU B 80 13.10 9.95 -10.03
CA GLU B 80 13.57 11.08 -10.88
C GLU B 80 12.41 11.91 -11.40
N MET B 81 11.38 11.26 -11.95
CA MET B 81 10.22 11.98 -12.51
C MET B 81 9.42 12.73 -11.45
N ARG B 82 9.22 12.10 -10.30
CA ARG B 82 8.56 12.74 -9.14
C ARG B 82 9.27 14.02 -8.75
N ASN B 83 10.59 13.95 -8.66
CA ASN B 83 11.39 15.11 -8.27
C ASN B 83 11.50 16.22 -9.33
N ASN B 84 11.46 15.88 -10.62
CA ASN B 84 11.51 16.88 -11.71
C ASN B 84 10.11 17.36 -12.10
N GLU B 85 9.29 16.45 -12.62
CA GLU B 85 8.02 16.82 -13.21
C GLU B 85 6.89 17.02 -12.20
N LEU B 86 6.91 16.31 -11.08
CA LEU B 86 5.91 16.50 -10.04
C LEU B 86 6.43 17.32 -8.84
N ASN B 87 7.66 17.83 -8.93
CA ASN B 87 8.27 18.71 -7.91
C ASN B 87 8.23 18.14 -6.49
N GLY B 88 8.64 16.88 -6.35
CA GLY B 88 8.66 16.19 -5.06
C GLY B 88 7.29 15.75 -4.54
N GLU B 89 6.21 16.10 -5.23
CA GLU B 89 4.84 15.81 -4.75
C GLU B 89 4.40 14.36 -4.97
N GLU B 90 3.17 14.05 -4.58
CA GLU B 90 2.52 12.82 -5.02
C GLU B 90 1.92 12.95 -6.44
N LEU B 91 1.86 11.84 -7.18
CA LEU B 91 0.99 11.76 -8.36
C LEU B 91 -0.43 11.67 -7.81
N PRO B 92 -1.32 12.61 -8.18
CA PRO B 92 -2.66 12.57 -7.60
C PRO B 92 -3.44 11.30 -7.95
N THR B 93 -4.36 10.93 -7.07
CA THR B 93 -5.26 9.79 -7.28
C THR B 93 -6.00 9.93 -8.60
N GLY B 94 -5.97 8.85 -9.39
CA GLY B 94 -6.59 8.81 -10.72
C GLY B 94 -5.73 9.25 -11.89
N GLU B 95 -4.58 9.85 -11.62
CA GLU B 95 -3.69 10.31 -12.68
C GLU B 95 -2.67 9.25 -13.07
N VAL B 96 -1.95 9.55 -14.14
CA VAL B 96 -0.99 8.64 -14.74
C VAL B 96 0.33 9.33 -15.13
N ILE B 97 1.42 8.57 -15.08
CA ILE B 97 2.67 8.92 -15.77
C ILE B 97 3.10 7.71 -16.57
N ILE B 98 4.10 7.87 -17.43
CA ILE B 98 4.60 6.75 -18.22
C ILE B 98 6.11 6.67 -18.15
N THR B 99 6.63 5.44 -18.04
CA THR B 99 8.04 5.14 -18.03
C THR B 99 8.30 3.97 -18.99
N SER B 100 9.58 3.73 -19.26
CA SER B 100 10.04 2.46 -19.85
C SER B 100 9.64 1.24 -19.03
N GLY B 101 9.64 0.08 -19.67
CA GLY B 101 9.34 -1.19 -18.99
C GLY B 101 10.59 -1.86 -18.45
N PHE B 102 11.76 -1.30 -18.79
CA PHE B 102 13.06 -1.83 -18.37
C PHE B 102 13.17 -3.32 -18.66
N GLN B 103 13.33 -4.18 -17.67
CA GLN B 103 13.46 -5.62 -17.90
C GLN B 103 12.19 -6.35 -18.32
N LEU B 104 11.02 -5.71 -18.21
CA LEU B 104 9.77 -6.33 -18.61
C LEU B 104 9.76 -6.57 -20.12
N PRO B 105 8.99 -7.57 -20.57
CA PRO B 105 8.82 -7.78 -22.00
C PRO B 105 7.90 -6.75 -22.68
N SER B 106 7.15 -5.98 -21.91
CA SER B 106 6.39 -4.84 -22.46
C SER B 106 7.32 -3.63 -22.66
N ARG B 107 6.93 -2.71 -23.53
CA ARG B 107 7.77 -1.56 -23.86
C ARG B 107 7.71 -0.45 -22.79
N PHE B 108 6.50 -0.21 -22.28
CA PHE B 108 6.21 0.87 -21.33
C PHE B 108 5.33 0.41 -20.18
N ILE B 109 5.49 1.10 -19.04
CA ILE B 109 4.59 1.00 -17.92
C ILE B 109 3.91 2.35 -17.69
N ILE B 110 2.58 2.33 -17.65
CA ILE B 110 1.79 3.47 -17.21
C ILE B 110 1.56 3.24 -15.72
N HIS B 111 1.99 4.18 -14.90
CA HIS B 111 1.76 4.11 -13.45
C HIS B 111 0.55 4.96 -13.14
N THR B 112 -0.35 4.42 -12.32
CA THR B 112 -1.52 5.15 -11.87
C THR B 112 -1.73 4.92 -10.38
N VAL B 113 -2.51 5.80 -9.74
CA VAL B 113 -2.71 5.75 -8.31
C VAL B 113 -4.19 5.55 -8.06
N GLY B 114 -4.51 4.37 -7.54
CA GLY B 114 -5.87 4.04 -7.19
C GLY B 114 -6.27 4.67 -5.85
N PRO B 115 -7.57 4.91 -5.63
CA PRO B 115 -8.00 5.36 -4.30
C PRO B 115 -7.74 4.28 -3.28
N ILE B 116 -7.45 4.71 -2.06
CA ILE B 116 -7.35 3.81 -0.91
C ILE B 116 -8.73 3.78 -0.24
N TRP B 117 -9.26 2.58 -0.03
CA TRP B 117 -10.66 2.37 0.30
C TRP B 117 -11.15 3.19 1.49
N ASN B 118 -12.19 4.00 1.23
CA ASN B 118 -12.87 4.86 2.23
C ASN B 118 -12.09 6.03 2.81
N GLN B 119 -10.91 6.34 2.27
CA GLN B 119 -10.26 7.60 2.60
C GLN B 119 -11.05 8.80 2.07
N THR B 120 -11.56 8.69 0.84
CA THR B 120 -12.43 9.71 0.23
C THR B 120 -13.69 9.05 -0.32
N PRO B 121 -14.64 8.67 0.57
CA PRO B 121 -15.80 7.83 0.22
C PRO B 121 -16.66 8.30 -0.97
N ASP B 122 -16.80 9.62 -1.11
CA ASP B 122 -17.66 10.20 -2.14
C ASP B 122 -16.95 10.45 -3.44
N LEU B 123 -15.62 10.50 -3.40
CA LEU B 123 -14.85 10.70 -4.63
C LEU B 123 -14.38 9.38 -5.25
N GLN B 124 -14.40 8.29 -4.50
CA GLN B 124 -13.56 7.13 -4.84
C GLN B 124 -14.00 6.34 -6.06
N GLU B 125 -15.30 6.32 -6.38
CA GLU B 125 -15.75 5.60 -7.57
CA GLU B 125 -15.78 5.60 -7.58
C GLU B 125 -15.24 6.27 -8.83
N GLU B 126 -15.41 7.59 -8.90
CA GLU B 126 -14.93 8.39 -10.03
C GLU B 126 -13.39 8.39 -10.11
N LEU B 127 -12.72 8.45 -8.95
CA LEU B 127 -11.25 8.43 -8.92
C LEU B 127 -10.70 7.10 -9.49
N LEU B 128 -11.33 5.97 -9.14
CA LEU B 128 -10.95 4.66 -9.72
C LEU B 128 -11.12 4.65 -11.23
N ALA B 129 -12.31 5.05 -11.68
CA ALA B 129 -12.59 5.16 -13.12
C ALA B 129 -11.55 6.00 -13.85
N ASN B 130 -11.12 7.12 -13.24
CA ASN B 130 -10.11 7.99 -13.86
C ASN B 130 -8.78 7.26 -14.14
N CYS B 131 -8.33 6.37 -13.24
CA CYS B 131 -7.14 5.52 -13.54
C CYS B 131 -7.29 4.90 -14.92
N TYR B 132 -8.45 4.29 -15.17
CA TYR B 132 -8.70 3.58 -16.42
C TYR B 132 -8.84 4.53 -17.61
N ARG B 133 -9.62 5.61 -17.43
CA ARG B 133 -9.79 6.64 -18.47
C ARG B 133 -8.49 7.29 -18.88
N ASN B 134 -7.73 7.78 -17.91
CA ASN B 134 -6.48 8.48 -18.20
C ASN B 134 -5.40 7.56 -18.84
N ALA B 135 -5.32 6.31 -18.40
CA ALA B 135 -4.40 5.36 -19.00
C ALA B 135 -4.75 5.13 -20.46
N LEU B 136 -6.04 4.93 -20.72
CA LEU B 136 -6.53 4.67 -22.08
C LEU B 136 -6.35 5.86 -23.02
N GLU B 137 -6.61 7.08 -22.54
CA GLU B 137 -6.34 8.30 -23.32
C GLU B 137 -4.87 8.42 -23.69
N LEU B 138 -3.98 8.07 -22.75
CA LEU B 138 -2.52 8.11 -23.03
C LEU B 138 -2.13 7.08 -24.14
N VAL B 139 -2.67 5.87 -24.06
CA VAL B 139 -2.44 4.84 -25.09
C VAL B 139 -2.94 5.35 -26.46
N LYS B 140 -4.13 5.93 -26.50
CA LYS B 140 -4.68 6.51 -27.74
C LYS B 140 -3.82 7.62 -28.35
N VAL B 141 -3.45 8.65 -27.58
CA VAL B 141 -2.65 9.76 -28.10
CA VAL B 141 -2.66 9.75 -28.12
C VAL B 141 -1.26 9.30 -28.57
N LYS B 142 -0.66 8.38 -27.82
CA LYS B 142 0.64 7.84 -28.20
C LYS B 142 0.57 6.69 -29.21
N LYS B 143 -0.63 6.21 -29.53
CA LYS B 143 -0.87 5.13 -30.50
C LYS B 143 -0.10 3.87 -30.13
N LEU B 144 -0.35 3.41 -28.90
CA LEU B 144 0.37 2.28 -28.34
C LEU B 144 -0.34 0.91 -28.46
N SER B 145 -1.59 0.91 -28.92
CA SER B 145 -2.34 -0.27 -29.45
C SER B 145 -2.68 -1.45 -28.49
N SER B 146 -1.85 -1.72 -27.47
CA SER B 146 -2.18 -2.77 -26.49
C SER B 146 -1.73 -2.40 -25.08
N ILE B 147 -2.57 -2.72 -24.11
CA ILE B 147 -2.37 -2.34 -22.71
C ILE B 147 -3.01 -3.42 -21.84
N SER B 148 -2.28 -3.81 -20.78
CA SER B 148 -2.78 -4.71 -19.77
C SER B 148 -2.93 -3.98 -18.43
N PHE B 149 -4.12 -4.08 -17.84
CA PHE B 149 -4.40 -3.56 -16.50
C PHE B 149 -4.37 -4.70 -15.51
N PRO B 150 -3.95 -4.43 -14.27
CA PRO B 150 -4.15 -5.32 -13.13
C PRO B 150 -5.46 -4.98 -12.45
N SER B 151 -5.78 -5.62 -11.33
CA SER B 151 -6.89 -5.19 -10.48
C SER B 151 -6.39 -4.01 -9.64
N ILE B 152 -6.90 -2.80 -9.88
CA ILE B 152 -6.37 -1.61 -9.18
C ILE B 152 -7.14 -1.44 -7.86
N SER B 153 -6.37 -1.20 -6.79
CA SER B 153 -6.87 -0.90 -5.43
C SER B 153 -7.45 -2.05 -4.63
N THR B 154 -7.61 -3.22 -5.24
CA THR B 154 -8.15 -4.35 -4.51
C THR B 154 -6.95 -5.02 -3.83
N GLY B 155 -7.18 -5.91 -2.89
CA GLY B 155 -6.01 -6.40 -2.13
C GLY B 155 -5.54 -5.47 -1.04
N VAL B 156 -4.28 -4.98 -1.08
CA VAL B 156 -3.70 -4.16 0.03
C VAL B 156 -4.49 -2.87 0.32
N TYR B 157 -4.97 -2.21 -0.72
CA TYR B 157 -5.72 -0.98 -0.53
C TYR B 157 -7.21 -1.14 -0.27
N GLY B 158 -7.68 -2.39 -0.24
CA GLY B 158 -8.98 -2.75 0.33
C GLY B 158 -10.25 -2.42 -0.43
N TYR B 159 -10.14 -1.98 -1.69
CA TYR B 159 -11.35 -1.72 -2.51
C TYR B 159 -12.03 -3.06 -2.79
N PRO B 160 -13.32 -3.21 -2.42
CA PRO B 160 -13.95 -4.51 -2.63
C PRO B 160 -14.01 -4.91 -4.10
N ILE B 161 -13.64 -6.16 -4.39
CA ILE B 161 -13.43 -6.65 -5.74
C ILE B 161 -14.70 -6.55 -6.62
N HIS B 162 -15.86 -6.84 -6.04
CA HIS B 162 -17.12 -6.77 -6.80
C HIS B 162 -17.37 -5.37 -7.35
N GLU B 163 -17.20 -4.34 -6.53
CA GLU B 163 -17.37 -2.96 -6.99
C GLU B 163 -16.25 -2.49 -7.92
N ALA B 164 -15.01 -2.87 -7.62
CA ALA B 164 -13.88 -2.42 -8.41
C ALA B 164 -13.97 -2.98 -9.82
N ALA B 165 -14.32 -4.26 -9.92
CA ALA B 165 -14.49 -4.92 -11.23
C ALA B 165 -15.59 -4.27 -12.08
N ALA B 166 -16.69 -3.87 -11.42
CA ALA B 166 -17.82 -3.22 -12.13
C ALA B 166 -17.37 -1.90 -12.70
N ILE B 167 -16.69 -1.11 -11.88
CA ILE B 167 -16.17 0.18 -12.32
C ILE B 167 -15.11 0.01 -13.43
N ALA B 168 -14.19 -0.93 -13.25
CA ALA B 168 -13.15 -1.15 -14.26
C ALA B 168 -13.78 -1.51 -15.62
N LEU B 169 -14.66 -2.49 -15.62
CA LEU B 169 -15.25 -2.98 -16.87
C LEU B 169 -16.12 -1.94 -17.55
N GLN B 170 -17.00 -1.29 -16.79
CA GLN B 170 -17.84 -0.23 -17.33
C GLN B 170 -17.04 0.90 -17.95
N THR B 171 -16.01 1.34 -17.24
CA THR B 171 -15.19 2.42 -17.74
C THR B 171 -14.40 1.99 -18.99
N ILE B 172 -13.83 0.79 -18.99
CA ILE B 172 -13.07 0.33 -20.15
C ILE B 172 -14.01 0.19 -21.37
N ILE B 173 -15.11 -0.53 -21.18
CA ILE B 173 -16.10 -0.75 -22.24
C ILE B 173 -16.58 0.59 -22.85
N GLN B 174 -17.01 1.52 -22.00
CA GLN B 174 -17.46 2.82 -22.50
C GLN B 174 -16.39 3.50 -23.32
N PHE B 175 -15.15 3.48 -22.85
CA PHE B 175 -14.04 4.08 -23.61
C PHE B 175 -13.86 3.43 -24.98
N LEU B 176 -13.95 2.11 -25.00
CA LEU B 176 -13.79 1.32 -26.23
C LEU B 176 -14.98 1.52 -27.20
N GLN B 177 -16.16 1.80 -26.66
CA GLN B 177 -17.32 2.20 -27.47
C GLN B 177 -17.16 3.55 -28.17
N GLU B 178 -16.41 4.46 -27.54
CA GLU B 178 -16.26 5.83 -28.01
C GLU B 178 -14.95 6.11 -28.73
N ASN B 179 -13.95 5.24 -28.57
CA ASN B 179 -12.63 5.48 -29.14
C ASN B 179 -12.10 4.24 -29.83
N ASP B 180 -11.21 4.44 -30.80
CA ASP B 180 -10.40 3.35 -31.30
C ASP B 180 -9.10 3.34 -30.50
N VAL B 181 -8.76 2.19 -29.95
CA VAL B 181 -7.60 2.03 -29.09
C VAL B 181 -6.77 0.81 -29.51
N GLY B 182 -7.43 -0.35 -29.58
CA GLY B 182 -6.80 -1.61 -29.95
C GLY B 182 -7.23 -2.65 -28.94
N LEU B 183 -6.25 -3.25 -28.26
CA LEU B 183 -6.48 -4.37 -27.36
C LEU B 183 -6.31 -3.89 -25.91
N VAL B 184 -7.29 -4.21 -25.06
CA VAL B 184 -7.21 -3.93 -23.62
C VAL B 184 -7.39 -5.27 -22.90
N LYS B 185 -6.43 -5.61 -22.05
CA LYS B 185 -6.51 -6.76 -21.19
C LYS B 185 -6.64 -6.33 -19.75
N VAL B 186 -7.37 -7.13 -18.98
CA VAL B 186 -7.32 -7.08 -17.53
C VAL B 186 -6.73 -8.41 -17.05
N VAL B 187 -5.61 -8.33 -16.31
CA VAL B 187 -4.89 -9.53 -15.84
C VAL B 187 -5.10 -9.70 -14.34
N LEU B 188 -5.80 -10.78 -13.96
CA LEU B 188 -6.09 -11.11 -12.57
C LEU B 188 -5.15 -12.21 -12.11
N PHE B 189 -4.63 -12.05 -10.91
CA PHE B 189 -3.72 -13.02 -10.34
C PHE B 189 -4.45 -14.28 -9.89
N SER B 190 -5.57 -14.12 -9.20
CA SER B 190 -6.32 -15.25 -8.66
C SER B 190 -7.49 -15.63 -9.55
N GLU B 191 -7.82 -16.91 -9.51
CA GLU B 191 -8.96 -17.43 -10.25
C GLU B 191 -10.26 -16.91 -9.66
N ARG B 192 -10.27 -16.69 -8.35
CA ARG B 192 -11.37 -16.04 -7.67
C ARG B 192 -11.70 -14.70 -8.33
N ASP B 193 -10.70 -13.83 -8.47
CA ASP B 193 -10.91 -12.50 -9.05
C ASP B 193 -11.32 -12.60 -10.50
N TYR B 194 -10.69 -13.51 -11.22
CA TYR B 194 -11.01 -13.75 -12.62
C TYR B 194 -12.48 -14.18 -12.81
N SER B 195 -12.97 -15.11 -11.99
CA SER B 195 -14.35 -15.60 -12.16
C SER B 195 -15.36 -14.50 -11.83
N ILE B 196 -15.04 -13.60 -10.89
CA ILE B 196 -15.85 -12.40 -10.67
C ILE B 196 -15.85 -11.47 -11.89
N TYR B 197 -14.68 -11.28 -12.51
CA TYR B 197 -14.61 -10.51 -13.76
C TYR B 197 -15.42 -11.17 -14.89
N GLN B 198 -15.34 -12.49 -14.99
CA GLN B 198 -16.11 -13.26 -15.97
C GLN B 198 -17.60 -13.01 -15.84
N GLU B 199 -18.10 -13.16 -14.61
CA GLU B 199 -19.54 -12.95 -14.35
C GLU B 199 -20.00 -11.55 -14.77
N LYS B 200 -19.26 -10.52 -14.35
CA LYS B 200 -19.58 -9.13 -14.70
C LYS B 200 -19.46 -8.84 -16.19
N LEU B 201 -18.45 -9.43 -16.84
CA LEU B 201 -18.26 -9.21 -18.27
C LEU B 201 -19.43 -9.84 -19.07
N LYS B 202 -19.77 -11.10 -18.79
CA LYS B 202 -20.95 -11.78 -19.42
C LYS B 202 -22.24 -10.94 -19.32
N TYR B 203 -22.50 -10.41 -18.11
CA TYR B 203 -23.60 -9.50 -17.87
C TYR B 203 -23.57 -8.26 -18.76
N LEU B 204 -22.44 -7.56 -18.79
CA LEU B 204 -22.35 -6.32 -19.55
C LEU B 204 -22.32 -6.51 -21.07
N ILE B 205 -21.72 -7.60 -21.56
CA ILE B 205 -21.64 -7.87 -23.02
C ILE B 205 -23.04 -8.10 -23.62
N GLU B 206 -23.81 -8.99 -23.00
CA GLU B 206 -25.18 -9.32 -23.44
C GLU B 206 -26.12 -8.11 -23.49
N LYS B 207 -25.97 -7.16 -22.57
CA LYS B 207 -26.78 -5.92 -22.56
C LYS B 207 -26.48 -4.97 -23.73
N ILE B 208 -25.31 -5.12 -24.36
CA ILE B 208 -24.97 -4.42 -25.60
C ILE B 208 -25.55 -5.24 -26.74
#